data_2IWX
#
_entry.id   2IWX
#
_cell.length_a   73.703
_cell.length_b   73.703
_cell.length_c   110.019
_cell.angle_alpha   90.00
_cell.angle_beta   90.00
_cell.angle_gamma   90.00
#
_symmetry.space_group_name_H-M   'P 43 2 2'
#
loop_
_entity.id
_entity.type
_entity.pdbx_description
1 polymer 'ATP-DEPENDENT MOLECULAR CHAPERONE HSP82'
2 non-polymer (5E)-14-CHLORO-15,17-DIHYDROXY-4,7,8,9,10,11-HEXAHYDRO-2-BENZOXACYCLOPENTADECINE-1,12(3H,13H)-DIONE
3 water water
#
_entity_poly.entity_id   1
_entity_poly.type   'polypeptide(L)'
_entity_poly.pdbx_seq_one_letter_code
;MASETFEFQAEITQLMSLIINTVYSNKEIFLRELISNASDALDKIRYKSLSDPKQLETEPDLFIRITPKPEQKVLEIRDS
GIGMTKAELINNLGTIAKSGTKAFMEALSAGADVSMIGQFGVGFYSLFLVADRVQVISKSNDDEQYIWESNAGGSFTVTL
DEVNERIGRGTILRLFLKDDQLEYLEEKRIKEVIKRHSEFVAYPIQLVVTKEVE
;
_entity_poly.pdbx_strand_id   A
#
# COMPACT_ATOMS: atom_id res chain seq x y z
N MET A 1 -6.85 20.24 -3.57
CA MET A 1 -7.04 21.62 -3.03
C MET A 1 -6.19 21.81 -1.78
N ALA A 2 -6.80 22.37 -0.74
CA ALA A 2 -6.19 22.39 0.57
C ALA A 2 -6.22 20.99 1.13
N SER A 3 -5.12 20.61 1.76
CA SER A 3 -5.02 19.34 2.44
C SER A 3 -5.63 19.49 3.82
N GLU A 4 -6.06 18.36 4.36
CA GLU A 4 -6.46 18.28 5.75
C GLU A 4 -5.42 17.41 6.44
N THR A 5 -5.01 17.82 7.65
CA THR A 5 -3.98 17.13 8.42
C THR A 5 -4.59 16.40 9.61
N PHE A 6 -4.16 15.15 9.82
CA PHE A 6 -4.67 14.30 10.90
C PHE A 6 -3.51 13.72 11.69
N GLU A 7 -3.76 13.42 12.95
CA GLU A 7 -2.76 12.76 13.80
C GLU A 7 -2.99 11.27 13.76
N PHE A 8 -1.91 10.51 13.59
CA PHE A 8 -1.96 9.08 13.71
C PHE A 8 -2.28 8.70 15.14
N GLN A 9 -3.00 7.59 15.28
CA GLN A 9 -3.09 6.95 16.57
CA GLN A 9 -3.08 6.89 16.56
C GLN A 9 -1.66 6.60 17.02
N ALA A 10 -1.38 6.84 18.30
CA ALA A 10 -0.03 6.69 18.87
C ALA A 10 0.64 5.35 18.56
N GLU A 11 -0.11 4.25 18.63
CA GLU A 11 0.46 2.93 18.37
CA GLU A 11 0.45 2.93 18.38
CA GLU A 11 0.42 2.91 18.37
C GLU A 11 0.88 2.76 16.93
N ILE A 12 0.18 3.44 16.01
CA ILE A 12 0.58 3.34 14.61
C ILE A 12 1.90 4.08 14.41
N THR A 13 2.03 5.26 15.01
CA THR A 13 3.30 6.01 15.02
C THR A 13 4.42 5.14 15.56
N GLN A 14 4.16 4.46 16.66
CA GLN A 14 5.15 3.61 17.30
C GLN A 14 5.58 2.55 16.30
N LEU A 15 4.62 1.87 15.67
CA LEU A 15 4.94 0.82 14.70
C LEU A 15 5.77 1.36 13.54
N MET A 16 5.38 2.50 13.00
CA MET A 16 6.08 3.08 11.84
C MET A 16 7.50 3.49 12.10
N SER A 17 7.74 4.20 13.20
CA SER A 17 9.09 4.65 13.54
CA SER A 17 9.08 4.66 13.53
C SER A 17 10.00 3.45 13.64
N LEU A 18 9.50 2.39 14.27
CA LEU A 18 10.25 1.16 14.37
C LEU A 18 10.59 0.60 12.97
N ILE A 19 9.60 0.50 12.09
CA ILE A 19 9.86 -0.07 10.75
C ILE A 19 10.79 0.78 9.85
N ILE A 20 10.59 2.10 9.80
CA ILE A 20 11.43 2.95 8.94
CA ILE A 20 11.44 2.93 8.93
C ILE A 20 12.90 2.90 9.36
N ASN A 21 13.16 2.68 10.66
CA ASN A 21 14.51 2.70 11.20
C ASN A 21 15.16 1.31 11.34
N THR A 22 14.37 0.25 11.27
CA THR A 22 14.90 -1.08 11.60
C THR A 22 16.00 -1.51 10.60
N VAL A 23 16.98 -2.25 11.12
CA VAL A 23 18.01 -2.79 10.24
C VAL A 23 17.73 -4.25 9.83
N TYR A 24 16.49 -4.69 10.05
CA TYR A 24 16.01 -5.99 9.61
C TYR A 24 16.45 -6.24 8.17
N SER A 25 16.94 -7.45 7.91
CA SER A 25 17.67 -7.72 6.68
C SER A 25 16.79 -7.94 5.46
N ASN A 26 15.67 -8.62 5.64
CA ASN A 26 14.85 -9.13 4.53
C ASN A 26 13.77 -8.12 4.16
N LYS A 27 14.20 -6.95 3.72
CA LYS A 27 13.29 -5.83 3.45
CA LYS A 27 13.26 -5.87 3.48
C LYS A 27 12.31 -6.13 2.30
N GLU A 28 12.68 -7.07 1.42
CA GLU A 28 11.81 -7.38 0.25
C GLU A 28 10.41 -7.90 0.61
N ILE A 29 10.21 -8.31 1.87
CA ILE A 29 8.90 -8.79 2.29
C ILE A 29 7.79 -7.75 2.09
N PHE A 30 8.13 -6.47 1.97
CA PHE A 30 7.14 -5.43 1.75
C PHE A 30 6.32 -5.77 0.51
N LEU A 31 6.94 -6.37 -0.51
CA LEU A 31 6.19 -6.53 -1.76
C LEU A 31 5.09 -7.57 -1.62
N ARG A 32 5.39 -8.69 -0.96
CA ARG A 32 4.36 -9.69 -0.72
C ARG A 32 3.21 -9.10 0.09
N GLU A 33 3.52 -8.25 1.07
CA GLU A 33 2.45 -7.71 1.88
C GLU A 33 1.55 -6.82 1.08
N LEU A 34 2.12 -5.99 0.19
CA LEU A 34 1.30 -5.06 -0.60
C LEU A 34 0.57 -5.79 -1.71
N ILE A 35 1.16 -6.84 -2.27
CA ILE A 35 0.45 -7.66 -3.26
C ILE A 35 -0.71 -8.35 -2.56
N SER A 36 -0.52 -8.83 -1.33
CA SER A 36 -1.60 -9.49 -0.61
CA SER A 36 -1.60 -9.48 -0.60
C SER A 36 -2.76 -8.54 -0.34
N ASN A 37 -2.46 -7.31 0.09
CA ASN A 37 -3.52 -6.34 0.31
C ASN A 37 -4.26 -6.03 -0.98
N ALA A 38 -3.52 -5.88 -2.09
CA ALA A 38 -4.12 -5.62 -3.40
C ALA A 38 -5.07 -6.77 -3.77
N SER A 39 -4.60 -8.00 -3.64
CA SER A 39 -5.44 -9.17 -3.94
C SER A 39 -6.70 -9.16 -3.08
N ASP A 40 -6.56 -8.86 -1.80
CA ASP A 40 -7.72 -8.80 -0.89
C ASP A 40 -8.72 -7.73 -1.33
N ALA A 41 -8.23 -6.55 -1.75
CA ALA A 41 -9.12 -5.47 -2.18
C ALA A 41 -9.83 -5.86 -3.47
N LEU A 42 -9.17 -6.64 -4.32
CA LEU A 42 -9.79 -7.15 -5.54
C LEU A 42 -10.88 -8.19 -5.19
N ASP A 43 -10.60 -9.04 -4.20
CA ASP A 43 -11.60 -10.02 -3.76
C ASP A 43 -12.85 -9.28 -3.33
N LYS A 44 -12.71 -8.15 -2.64
CA LYS A 44 -13.87 -7.45 -2.11
C LYS A 44 -14.75 -6.87 -3.22
N ILE A 45 -14.15 -6.26 -4.25
CA ILE A 45 -14.95 -5.71 -5.34
C ILE A 45 -15.59 -6.86 -6.14
N ARG A 46 -14.86 -7.96 -6.29
CA ARG A 46 -15.41 -9.11 -7.01
C ARG A 46 -16.61 -9.66 -6.27
N TYR A 47 -16.48 -9.82 -4.96
CA TYR A 47 -17.58 -10.31 -4.16
C TYR A 47 -18.79 -9.35 -4.20
N LYS A 48 -18.51 -8.06 -4.06
CA LYS A 48 -19.59 -7.07 -4.09
C LYS A 48 -20.34 -7.14 -5.39
N SER A 49 -19.59 -7.39 -6.46
CA SER A 49 -20.15 -7.43 -7.82
CA SER A 49 -20.19 -7.40 -7.79
C SER A 49 -21.10 -8.60 -8.04
N LEU A 50 -21.08 -9.61 -7.15
CA LEU A 50 -21.97 -10.77 -7.31
C LEU A 50 -23.44 -10.35 -7.27
N SER A 51 -23.71 -9.34 -6.45
CA SER A 51 -25.08 -8.86 -6.26
CA SER A 51 -25.08 -8.87 -6.25
C SER A 51 -25.27 -7.44 -6.78
N ASP A 52 -24.19 -6.86 -7.31
CA ASP A 52 -24.26 -5.49 -7.80
C ASP A 52 -23.22 -5.36 -8.93
N PRO A 53 -23.48 -6.01 -10.07
CA PRO A 53 -22.47 -6.08 -11.11
C PRO A 53 -22.08 -4.72 -11.69
N LYS A 54 -22.99 -3.74 -11.62
CA LYS A 54 -22.65 -2.35 -12.01
C LYS A 54 -21.40 -1.78 -11.33
N GLN A 55 -21.08 -2.31 -10.15
CA GLN A 55 -19.91 -1.81 -9.41
C GLN A 55 -18.61 -2.03 -10.18
N LEU A 56 -18.59 -3.02 -11.08
CA LEU A 56 -17.39 -3.27 -11.89
C LEU A 56 -17.18 -2.32 -13.04
N GLU A 57 -18.24 -1.63 -13.46
CA GLU A 57 -18.20 -0.85 -14.70
CA GLU A 57 -18.20 -0.85 -14.70
C GLU A 57 -17.20 0.30 -14.70
N THR A 58 -16.84 0.81 -13.51
CA THR A 58 -15.88 1.90 -13.39
C THR A 58 -14.47 1.45 -13.78
N GLU A 59 -14.23 0.14 -13.73
CA GLU A 59 -12.95 -0.46 -14.13
C GLU A 59 -13.19 -1.97 -14.28
N PRO A 60 -13.60 -2.43 -15.47
CA PRO A 60 -13.98 -3.84 -15.59
C PRO A 60 -12.86 -4.85 -15.44
N ASP A 61 -11.62 -4.43 -15.59
CA ASP A 61 -10.50 -5.38 -15.48
C ASP A 61 -9.97 -5.41 -14.07
N LEU A 62 -9.76 -6.64 -13.58
CA LEU A 62 -9.26 -6.89 -12.22
C LEU A 62 -7.78 -7.28 -12.31
N PHE A 63 -6.91 -6.43 -11.76
CA PHE A 63 -5.48 -6.59 -11.92
C PHE A 63 -4.69 -5.94 -10.79
N ILE A 64 -3.47 -6.41 -10.65
CA ILE A 64 -2.42 -5.78 -9.83
C ILE A 64 -1.35 -5.34 -10.82
N ARG A 65 -0.86 -4.12 -10.64
CA ARG A 65 0.14 -3.56 -11.58
C ARG A 65 1.26 -2.90 -10.81
N ILE A 66 2.50 -3.24 -11.18
CA ILE A 66 3.67 -2.67 -10.53
C ILE A 66 4.41 -1.83 -11.54
N THR A 67 4.65 -0.56 -11.18
CA THR A 67 5.29 0.40 -12.09
C THR A 67 6.47 1.12 -11.44
N PRO A 68 7.69 0.71 -11.79
CA PRO A 68 8.84 1.51 -11.35
C PRO A 68 8.91 2.83 -12.10
N LYS A 69 9.26 3.90 -11.37
CA LYS A 69 9.46 5.23 -11.94
C LYS A 69 10.84 5.72 -11.52
N PRO A 70 11.88 5.24 -12.22
CA PRO A 70 13.25 5.45 -11.77
C PRO A 70 13.68 6.90 -11.59
N GLU A 71 13.26 7.80 -12.46
CA GLU A 71 13.75 9.18 -12.31
C GLU A 71 13.30 9.78 -10.96
N GLN A 72 12.07 9.45 -10.57
CA GLN A 72 11.47 9.94 -9.33
C GLN A 72 11.79 9.08 -8.12
N LYS A 73 12.54 8.00 -8.34
CA LYS A 73 12.85 7.02 -7.29
C LYS A 73 11.56 6.53 -6.60
N VAL A 74 10.59 6.20 -7.43
CA VAL A 74 9.26 5.80 -7.00
C VAL A 74 8.92 4.38 -7.49
N LEU A 75 8.23 3.62 -6.66
CA LEU A 75 7.64 2.35 -7.10
C LEU A 75 6.17 2.41 -6.80
N GLU A 76 5.34 2.21 -7.81
CA GLU A 76 3.86 2.18 -7.62
C GLU A 76 3.28 0.76 -7.64
N ILE A 77 2.41 0.47 -6.68
CA ILE A 77 1.69 -0.80 -6.64
C ILE A 77 0.21 -0.45 -6.72
N ARG A 78 -0.39 -0.82 -7.85
CA ARG A 78 -1.77 -0.48 -8.16
CA ARG A 78 -1.77 -0.49 -8.18
C ARG A 78 -2.66 -1.70 -8.19
N ASP A 79 -3.88 -1.51 -7.72
CA ASP A 79 -4.89 -2.53 -7.91
C ASP A 79 -6.17 -1.87 -8.35
N SER A 80 -7.01 -2.67 -9.01
CA SER A 80 -8.34 -2.21 -9.36
C SER A 80 -9.39 -2.79 -8.42
N GLY A 81 -9.03 -2.87 -7.14
CA GLY A 81 -9.93 -3.34 -6.09
C GLY A 81 -11.01 -2.35 -5.70
N ILE A 82 -11.56 -2.58 -4.52
CA ILE A 82 -12.73 -1.82 -4.07
C ILE A 82 -12.43 -0.34 -3.82
N GLY A 83 -11.17 0.02 -3.58
CA GLY A 83 -10.86 1.40 -3.25
C GLY A 83 -11.35 1.85 -1.91
N MET A 84 -11.00 3.11 -1.61
CA MET A 84 -11.32 3.71 -0.32
C MET A 84 -11.82 5.12 -0.52
N THR A 85 -12.89 5.45 0.19
CA THR A 85 -13.39 6.81 0.23
C THR A 85 -12.46 7.66 1.10
N LYS A 86 -12.68 8.97 1.11
CA LYS A 86 -11.92 9.83 2.03
C LYS A 86 -12.01 9.31 3.46
N ALA A 87 -13.21 9.01 3.93
CA ALA A 87 -13.38 8.52 5.31
C ALA A 87 -12.67 7.19 5.53
N GLU A 88 -12.70 6.32 4.54
CA GLU A 88 -12.05 5.02 4.66
C GLU A 88 -10.53 5.17 4.69
N LEU A 89 -9.99 6.12 3.92
CA LEU A 89 -8.54 6.35 4.00
C LEU A 89 -8.09 6.78 5.38
N ILE A 90 -8.81 7.74 5.95
CA ILE A 90 -8.53 8.23 7.28
C ILE A 90 -8.68 7.08 8.27
N ASN A 91 -9.75 6.31 8.14
CA ASN A 91 -10.04 5.21 9.05
C ASN A 91 -9.06 4.06 8.88
N ASN A 92 -8.90 3.56 7.67
CA ASN A 92 -8.11 2.34 7.47
C ASN A 92 -6.63 2.53 7.75
N LEU A 93 -6.13 3.74 7.52
CA LEU A 93 -4.69 3.98 7.50
C LEU A 93 -4.09 4.70 8.69
N GLY A 94 -4.87 5.53 9.38
CA GLY A 94 -4.24 6.41 10.37
C GLY A 94 -4.82 6.67 11.74
N THR A 95 -6.12 6.95 11.79
CA THR A 95 -6.67 7.44 13.04
C THR A 95 -7.24 6.33 13.91
N ILE A 96 -7.38 5.12 13.37
CA ILE A 96 -7.92 4.03 14.16
C ILE A 96 -7.08 2.80 13.90
N ALA A 97 -7.42 2.08 12.83
CA ALA A 97 -6.84 0.78 12.52
C ALA A 97 -6.94 -0.30 13.61
N LYS A 98 -6.37 -0.06 14.79
CA LYS A 98 -6.25 -1.07 15.84
C LYS A 98 -7.43 -2.05 15.89
N SER A 99 -7.29 -3.32 15.45
CA SER A 99 -6.16 -4.00 14.77
C SER A 99 -4.91 -4.40 15.56
N GLY A 100 -4.62 -5.70 15.54
CA GLY A 100 -3.40 -6.29 16.09
C GLY A 100 -2.10 -5.52 15.98
N THR A 101 -2.16 -4.19 15.85
CA THR A 101 -0.91 -3.39 15.81
C THR A 101 -0.10 -3.49 17.13
N LYS A 102 -0.72 -3.26 18.29
CA LYS A 102 0.00 -3.47 19.54
C LYS A 102 0.50 -4.90 19.67
N ALA A 103 -0.31 -5.91 19.33
CA ALA A 103 0.10 -7.30 19.49
C ALA A 103 1.27 -7.63 18.57
N PHE A 104 1.33 -7.00 17.39
CA PHE A 104 2.48 -7.25 16.52
C PHE A 104 3.76 -6.70 17.12
N MET A 105 3.72 -5.49 17.68
CA MET A 105 4.91 -4.93 18.33
CA MET A 105 4.89 -4.91 18.34
C MET A 105 5.34 -5.77 19.51
N GLU A 106 4.36 -6.29 20.26
CA GLU A 106 4.68 -7.19 21.36
C GLU A 106 5.35 -8.46 20.82
N ALA A 107 4.83 -9.01 19.73
CA ALA A 107 5.45 -10.17 19.12
C ALA A 107 6.89 -9.84 18.66
N LEU A 108 7.12 -8.62 18.18
CA LEU A 108 8.51 -8.17 17.91
C LEU A 108 9.41 -8.08 19.12
N SER A 109 8.93 -7.54 20.24
CA SER A 109 9.73 -7.44 21.45
C SER A 109 10.12 -8.84 21.97
N ALA A 110 9.36 -9.87 21.54
CA ALA A 110 9.64 -11.25 21.92
C ALA A 110 10.51 -12.03 20.91
N GLY A 111 10.69 -11.48 19.70
CA GLY A 111 11.47 -12.09 18.62
C GLY A 111 10.83 -12.56 17.33
N ALA A 112 9.56 -12.23 17.09
CA ALA A 112 8.88 -12.67 15.88
C ALA A 112 9.58 -12.18 14.60
N ASP A 113 9.48 -12.96 13.51
CA ASP A 113 9.87 -12.54 12.15
C ASP A 113 9.12 -11.24 11.86
N VAL A 114 9.79 -10.18 11.40
CA VAL A 114 9.02 -9.03 10.88
C VAL A 114 8.06 -9.50 9.78
N SER A 115 8.42 -10.61 9.14
CA SER A 115 7.60 -11.16 8.08
CA SER A 115 7.61 -11.20 8.08
C SER A 115 6.23 -11.68 8.55
N MET A 116 6.00 -11.74 9.85
CA MET A 116 4.69 -12.16 10.38
C MET A 116 3.66 -11.05 10.36
N ILE A 117 4.08 -9.88 9.92
CA ILE A 117 3.27 -8.66 10.03
C ILE A 117 1.88 -8.81 9.44
N GLY A 118 1.76 -9.51 8.31
CA GLY A 118 0.46 -9.65 7.66
C GLY A 118 -0.49 -10.47 8.51
N GLN A 119 0.03 -11.36 9.34
CA GLN A 119 -0.83 -12.18 10.17
C GLN A 119 -1.46 -11.37 11.30
N PHE A 120 -0.92 -10.18 11.55
CA PHE A 120 -1.52 -9.23 12.49
C PHE A 120 -2.34 -8.15 11.79
N GLY A 121 -2.53 -8.26 10.47
CA GLY A 121 -3.33 -7.32 9.73
C GLY A 121 -2.78 -5.93 9.49
N VAL A 122 -1.47 -5.77 9.72
CA VAL A 122 -0.85 -4.46 9.56
C VAL A 122 0.32 -4.45 8.57
N GLY A 123 0.29 -5.36 7.61
CA GLY A 123 1.35 -5.48 6.61
C GLY A 123 1.62 -4.23 5.76
N PHE A 124 0.62 -3.37 5.63
CA PHE A 124 0.79 -2.09 4.91
C PHE A 124 2.04 -1.34 5.38
N TYR A 125 2.26 -1.34 6.70
CA TYR A 125 3.31 -0.48 7.24
C TYR A 125 4.69 -1.05 6.94
N SER A 126 4.76 -2.30 6.44
CA SER A 126 6.07 -2.83 6.02
C SER A 126 6.68 -2.03 4.87
N LEU A 127 5.88 -1.21 4.18
CA LEU A 127 6.45 -0.38 3.10
C LEU A 127 7.58 0.52 3.63
N PHE A 128 7.53 0.87 4.92
CA PHE A 128 8.57 1.76 5.45
C PHE A 128 9.93 1.07 5.61
N LEU A 129 9.99 -0.23 5.35
CA LEU A 129 11.29 -0.90 5.25
C LEU A 129 12.06 -0.34 4.05
N VAL A 130 11.36 0.04 2.97
CA VAL A 130 12.04 0.48 1.74
C VAL A 130 11.77 1.91 1.34
N ALA A 131 10.78 2.56 1.98
CA ALA A 131 10.37 3.89 1.55
C ALA A 131 10.33 4.82 2.73
N ASP A 132 10.67 6.08 2.50
CA ASP A 132 10.56 7.03 3.58
CA ASP A 132 10.64 7.16 3.47
C ASP A 132 9.30 7.87 3.49
N ARG A 133 8.50 7.65 2.45
CA ARG A 133 7.30 8.44 2.23
C ARG A 133 6.41 7.63 1.32
N VAL A 134 5.10 7.78 1.52
CA VAL A 134 4.13 7.09 0.71
C VAL A 134 2.94 7.97 0.43
N GLN A 135 2.44 7.90 -0.80
CA GLN A 135 1.11 8.44 -1.11
C GLN A 135 0.23 7.26 -1.47
N VAL A 136 -0.93 7.23 -0.85
CA VAL A 136 -1.98 6.27 -1.19
C VAL A 136 -3.04 7.03 -1.94
N ILE A 137 -3.20 6.70 -3.21
CA ILE A 137 -4.15 7.40 -4.09
C ILE A 137 -5.28 6.40 -4.27
N SER A 138 -6.49 6.81 -3.96
CA SER A 138 -7.57 5.82 -4.00
C SER A 138 -8.85 6.39 -4.57
N LYS A 139 -9.58 5.52 -5.24
CA LYS A 139 -10.87 5.86 -5.85
C LYS A 139 -11.85 4.73 -5.59
N SER A 140 -12.79 5.01 -4.70
CA SER A 140 -13.93 4.10 -4.46
C SER A 140 -15.07 4.53 -5.36
N ASN A 141 -15.93 3.59 -5.74
CA ASN A 141 -17.13 3.98 -6.49
C ASN A 141 -18.01 4.99 -5.72
N ASP A 142 -17.83 5.02 -4.41
CA ASP A 142 -18.64 5.83 -3.50
C ASP A 142 -18.10 7.25 -3.22
N ASP A 143 -16.95 7.61 -3.80
CA ASP A 143 -16.41 8.94 -3.52
C ASP A 143 -15.54 9.42 -4.67
N GLU A 144 -15.03 10.63 -4.54
CA GLU A 144 -14.03 11.17 -5.45
CA GLU A 144 -14.04 11.09 -5.50
C GLU A 144 -12.64 10.56 -5.18
N GLN A 145 -11.69 10.80 -6.09
CA GLN A 145 -10.32 10.32 -5.89
C GLN A 145 -9.59 11.22 -4.85
N TYR A 146 -8.94 10.55 -3.89
CA TYR A 146 -8.21 11.23 -2.81
C TYR A 146 -6.79 10.69 -2.66
N ILE A 147 -5.94 11.52 -2.05
CA ILE A 147 -4.55 11.19 -1.77
C ILE A 147 -4.30 11.27 -0.27
N TRP A 148 -3.84 10.17 0.29
CA TRP A 148 -3.39 10.09 1.69
C TRP A 148 -1.87 10.11 1.64
N GLU A 149 -1.22 10.90 2.47
CA GLU A 149 0.24 10.97 2.42
C GLU A 149 0.85 10.91 3.79
N SER A 150 1.92 10.12 3.95
CA SER A 150 2.60 9.96 5.24
C SER A 150 4.09 9.82 4.99
N ASN A 151 4.86 10.38 5.91
CA ASN A 151 6.31 10.18 5.94
C ASN A 151 6.74 9.45 7.22
N ALA A 152 5.82 8.65 7.77
CA ALA A 152 6.03 7.85 9.00
C ALA A 152 6.04 8.68 10.29
N GLY A 153 5.85 9.99 10.18
N GLY A 153 5.89 9.99 10.13
CA GLY A 153 6.14 10.90 11.31
CA GLY A 153 5.77 10.89 11.26
C GLY A 153 5.05 11.54 12.14
C GLY A 153 4.41 10.79 11.90
N GLY A 154 4.01 10.78 12.51
N GLY A 154 4.19 11.59 12.94
CA GLY A 154 2.99 11.25 13.46
CA GLY A 154 2.97 11.53 13.69
C GLY A 154 1.71 11.83 12.86
C GLY A 154 1.76 12.18 13.07
N SER A 155 1.85 12.61 11.80
CA SER A 155 0.69 13.17 11.11
C SER A 155 0.65 12.75 9.65
N PHE A 156 -0.55 12.73 9.09
CA PHE A 156 -0.73 12.44 7.66
C PHE A 156 -1.69 13.46 7.07
N THR A 157 -1.69 13.58 5.76
CA THR A 157 -2.61 14.49 5.08
C THR A 157 -3.53 13.71 4.17
N VAL A 158 -4.72 14.27 3.96
CA VAL A 158 -5.64 13.77 2.96
C VAL A 158 -6.07 14.94 2.09
N THR A 159 -5.97 14.78 0.77
CA THR A 159 -6.24 15.85 -0.19
C THR A 159 -7.07 15.31 -1.34
N LEU A 160 -8.11 16.05 -1.74
CA LEU A 160 -8.85 15.74 -2.97
C LEU A 160 -7.84 15.75 -4.14
N ASP A 161 -7.90 14.71 -4.95
CA ASP A 161 -6.86 14.49 -5.99
C ASP A 161 -7.14 15.26 -7.28
N GLU A 162 -6.39 16.32 -7.50
CA GLU A 162 -6.49 17.08 -8.76
C GLU A 162 -5.18 17.04 -9.52
N VAL A 163 -4.37 16.03 -9.23
CA VAL A 163 -2.99 15.99 -9.73
C VAL A 163 -2.53 14.67 -10.33
N ASN A 164 -3.17 13.55 -10.00
CA ASN A 164 -2.75 12.25 -10.52
C ASN A 164 -3.67 11.74 -11.62
N GLU A 165 -3.17 10.77 -12.38
CA GLU A 165 -4.01 10.10 -13.38
C GLU A 165 -5.29 9.61 -12.71
N ARG A 166 -6.40 9.64 -13.44
CA ARG A 166 -7.62 9.03 -12.94
C ARG A 166 -7.46 7.53 -12.87
N ILE A 167 -7.74 7.01 -11.70
N ILE A 167 -7.98 6.89 -11.80
CA ILE A 167 -7.96 5.62 -11.61
CA ILE A 167 -7.78 5.43 -11.46
C ILE A 167 -9.50 5.49 -11.62
C ILE A 167 -8.83 4.34 -11.95
N GLY A 168 -9.91 4.75 -12.58
CA GLY A 168 -11.24 4.14 -12.63
C GLY A 168 -11.84 3.74 -11.30
N ARG A 169 -11.14 2.83 -10.64
CA ARG A 169 -11.48 2.34 -9.33
C ARG A 169 -10.26 1.61 -8.81
N GLY A 170 -9.99 1.78 -7.52
CA GLY A 170 -8.94 1.00 -6.85
C GLY A 170 -7.97 1.91 -6.12
N THR A 171 -6.73 1.44 -6.00
CA THR A 171 -5.74 2.10 -5.11
C THR A 171 -4.37 1.98 -5.70
N ILE A 172 -3.64 3.09 -5.63
CA ILE A 172 -2.18 3.08 -5.91
C ILE A 172 -1.42 3.39 -4.62
N LEU A 173 -0.46 2.53 -4.28
CA LEU A 173 0.54 2.87 -3.27
C LEU A 173 1.76 3.36 -4.02
N ARG A 174 2.07 4.65 -3.82
CA ARG A 174 3.20 5.30 -4.47
C ARG A 174 4.28 5.40 -3.43
N LEU A 175 5.28 4.53 -3.55
CA LEU A 175 6.37 4.46 -2.57
C LEU A 175 7.52 5.32 -3.05
N PHE A 176 7.98 6.22 -2.20
CA PHE A 176 9.16 7.02 -2.46
C PHE A 176 10.35 6.31 -1.80
N LEU A 177 11.09 5.57 -2.62
CA LEU A 177 12.09 4.65 -2.12
C LEU A 177 13.26 5.38 -1.47
N LYS A 178 13.80 4.74 -0.43
CA LYS A 178 15.03 5.21 0.23
C LYS A 178 16.18 5.11 -0.77
N ASP A 179 17.19 5.96 -0.61
CA ASP A 179 18.30 5.99 -1.58
C ASP A 179 19.07 4.68 -1.63
N ASP A 180 19.07 3.94 -0.52
CA ASP A 180 19.73 2.65 -0.54
C ASP A 180 18.84 1.46 -0.91
N GLN A 181 17.62 1.74 -1.35
CA GLN A 181 16.69 0.69 -1.70
C GLN A 181 16.23 0.76 -3.15
N LEU A 182 17.05 1.35 -4.00
CA LEU A 182 16.70 1.54 -5.42
C LEU A 182 16.72 0.26 -6.26
N GLU A 183 17.23 -0.83 -5.70
CA GLU A 183 17.15 -2.12 -6.36
C GLU A 183 15.70 -2.47 -6.71
N TYR A 184 14.73 -1.96 -5.95
CA TYR A 184 13.32 -2.29 -6.21
C TYR A 184 12.72 -1.54 -7.40
N LEU A 185 13.55 -0.78 -8.10
CA LEU A 185 13.19 -0.18 -9.39
C LEU A 185 13.55 -1.10 -10.56
N GLU A 186 14.34 -2.14 -10.28
CA GLU A 186 14.89 -2.99 -11.33
C GLU A 186 13.95 -4.13 -11.71
N GLU A 187 13.71 -4.29 -13.00
CA GLU A 187 12.84 -5.35 -13.50
C GLU A 187 13.23 -6.75 -13.01
N LYS A 188 14.51 -7.08 -13.09
CA LYS A 188 15.01 -8.39 -12.69
C LYS A 188 14.73 -8.65 -11.21
N ARG A 189 15.05 -7.65 -10.38
CA ARG A 189 14.84 -7.74 -8.94
C ARG A 189 13.36 -7.87 -8.59
N ILE A 190 12.52 -7.03 -9.20
CA ILE A 190 11.10 -7.08 -8.90
C ILE A 190 10.51 -8.44 -9.29
N LYS A 191 10.86 -8.92 -10.49
CA LYS A 191 10.39 -10.22 -10.95
C LYS A 191 10.75 -11.35 -9.99
N GLU A 192 11.98 -11.36 -9.50
CA GLU A 192 12.39 -12.46 -8.61
C GLU A 192 11.62 -12.41 -7.27
N VAL A 193 11.43 -11.22 -6.73
CA VAL A 193 10.68 -11.07 -5.47
C VAL A 193 9.22 -11.51 -5.66
N ILE A 194 8.59 -11.13 -6.76
CA ILE A 194 7.20 -11.53 -7.00
C ILE A 194 7.05 -13.03 -7.13
N LYS A 195 7.94 -13.63 -7.91
CA LYS A 195 7.84 -15.05 -8.23
C LYS A 195 8.01 -15.94 -6.99
N ARG A 196 8.84 -15.50 -6.04
CA ARG A 196 9.15 -16.35 -4.90
C ARG A 196 8.10 -16.36 -3.78
N HIS A 197 7.42 -15.24 -3.55
CA HIS A 197 6.58 -15.15 -2.35
C HIS A 197 5.12 -14.81 -2.61
N SER A 198 4.73 -14.69 -3.87
CA SER A 198 3.34 -14.35 -4.23
C SER A 198 2.85 -15.28 -5.34
N GLU A 199 2.93 -16.60 -5.10
CA GLU A 199 2.70 -17.66 -6.11
C GLU A 199 1.23 -18.02 -6.40
N PHE A 200 0.35 -17.80 -5.42
CA PHE A 200 -1.04 -18.19 -5.53
C PHE A 200 -1.92 -16.95 -5.48
N VAL A 201 -1.77 -16.10 -6.48
CA VAL A 201 -2.59 -14.90 -6.60
C VAL A 201 -3.53 -15.12 -7.79
N ALA A 202 -4.82 -14.83 -7.60
CA ALA A 202 -5.86 -15.14 -8.59
C ALA A 202 -5.94 -14.12 -9.72
N TYR A 203 -5.26 -12.99 -9.55
CA TYR A 203 -5.36 -11.88 -10.50
C TYR A 203 -4.04 -11.75 -11.22
N PRO A 204 -4.06 -11.22 -12.46
CA PRO A 204 -2.78 -10.96 -13.13
C PRO A 204 -1.95 -9.95 -12.35
N ILE A 205 -0.65 -10.20 -12.28
CA ILE A 205 0.30 -9.23 -11.74
C ILE A 205 1.12 -8.72 -12.90
N GLN A 206 0.85 -7.47 -13.25
CA GLN A 206 1.43 -6.85 -14.41
C GLN A 206 2.61 -6.00 -13.99
N LEU A 207 3.70 -6.11 -14.72
CA LEU A 207 4.87 -5.31 -14.46
C LEU A 207 5.10 -4.37 -15.66
N VAL A 208 5.19 -3.08 -15.38
CA VAL A 208 5.37 -2.05 -16.40
C VAL A 208 6.84 -1.74 -16.56
N VAL A 209 7.35 -2.03 -17.75
CA VAL A 209 8.77 -2.01 -18.08
C VAL A 209 8.96 -0.89 -19.10
N THR A 210 9.87 0.04 -18.80
CA THR A 210 10.18 1.13 -19.71
C THR A 210 11.58 0.90 -20.30
N LYS A 211 11.65 0.69 -21.62
CA LYS A 211 12.93 0.42 -22.29
C LYS A 211 13.15 1.21 -23.58
N GLU A 212 14.38 1.69 -23.75
CA GLU A 212 14.75 2.43 -24.95
C GLU A 212 14.70 1.53 -26.18
N VAL A 213 14.23 2.09 -27.28
CA VAL A 213 14.17 1.38 -28.55
C VAL A 213 15.50 1.62 -29.24
N GLU A 214 16.14 0.53 -29.67
CA GLU A 214 17.40 0.56 -30.48
C GLU A 214 18.63 1.12 -29.77
#